data_3W0A
#
_entry.id   3W0A
#
_cell.length_a   44.619
_cell.length_b   51.803
_cell.length_c   132.513
_cell.angle_alpha   90.00
_cell.angle_beta   90.00
_cell.angle_gamma   90.00
#
_symmetry.space_group_name_H-M   'P 21 21 21'
#
loop_
_entity.id
_entity.type
_entity.pdbx_description
1 polymer 'Vitamin D3 receptor'
2 non-polymer '(4S)-4-hydroxy-5-[2-methyl-4-(3-{3-methyl-4-[4,4,4-trifluoro-3-hydroxy-3-(trifluoromethyl)but-1-yn-1-yl]phenyl}pentan-3-yl)phenoxy]pentanoic acid'
3 water water
#
_entity_poly.entity_id   1
_entity_poly.type   'polypeptide(L)'
_entity_poly.pdbx_seq_one_letter_code
;LRPKLSEEQQRIIAILLDAHHKTYDPTYSDFCQFRPPVRVNDGGGSVTLELSQLSMLPHLADLVSYSIQKVIGFAKMIPG
FRDLTSEDQIVLLKSSAIEVIMLRSNESFTMDDMSWTCGNQDYKYRVSDVTKAGHSLELIEPLIKFQVGLKKLNLHEEEH
VLLMAICIVSPDRPGVQDAALIEAIQDRLSNTLQTYIRCRHPPPGSHLLYAKMIQKLADLRSLNEEHSKQYRCLSFQPEC
SMKLTPLVLEVFG
;
_entity_poly.pdbx_strand_id   A
#
loop_
_chem_comp.id
_chem_comp.type
_chem_comp.name
_chem_comp.formula
DS5 non-polymer '(4S)-4-hydroxy-5-[2-methyl-4-(3-{3-methyl-4-[4,4,4-trifluoro-3-hydroxy-3-(trifluoromethyl)but-1-yn-1-yl]phenyl}pentan-3-yl)phenoxy]pentanoic acid' 'C29 H32 F6 O5'
#
# COMPACT_ATOMS: atom_id res chain seq x y z
N LEU A 1 -6.34 -29.22 13.16
CA LEU A 1 -7.78 -29.03 12.96
C LEU A 1 -8.07 -27.95 11.95
N ARG A 2 -9.10 -28.18 11.10
CA ARG A 2 -9.49 -27.22 10.08
C ARG A 2 -10.94 -26.75 10.27
N PRO A 3 -11.23 -25.88 11.27
CA PRO A 3 -12.60 -25.40 11.43
C PRO A 3 -13.07 -24.66 10.19
N LYS A 4 -14.33 -24.84 9.86
CA LYS A 4 -14.92 -24.22 8.67
C LYS A 4 -15.15 -22.75 8.95
N LEU A 5 -15.12 -21.93 7.89
CA LEU A 5 -15.42 -20.50 8.01
C LEU A 5 -16.86 -20.36 8.48
N SER A 6 -17.08 -19.50 9.47
CA SER A 6 -18.42 -19.24 10.00
C SER A 6 -19.18 -18.42 8.96
N GLU A 7 -20.50 -18.29 9.16
CA GLU A 7 -21.37 -17.46 8.32
C GLU A 7 -20.84 -16.00 8.36
N GLU A 8 -20.44 -15.52 9.55
CA GLU A 8 -19.88 -14.19 9.75
C GLU A 8 -18.55 -14.01 8.98
N GLN A 9 -17.64 -15.01 9.04
CA GLN A 9 -16.35 -14.98 8.34
C GLN A 9 -16.52 -15.01 6.82
N GLN A 10 -17.52 -15.77 6.32
CA GLN A 10 -17.83 -15.81 4.90
C GLN A 10 -18.37 -14.43 4.46
N ARG A 11 -19.17 -13.79 5.33
CA ARG A 11 -19.73 -12.46 5.10
C ARG A 11 -18.59 -11.44 5.04
N ILE A 12 -17.64 -11.48 6.00
CA ILE A 12 -16.47 -10.57 6.03
C ILE A 12 -15.67 -10.66 4.71
N ILE A 13 -15.41 -11.89 4.23
CA ILE A 13 -14.65 -12.11 2.97
C ILE A 13 -15.41 -11.51 1.78
N ALA A 14 -16.74 -11.74 1.72
CA ALA A 14 -17.58 -11.22 0.62
C ALA A 14 -17.57 -9.70 0.59
N ILE A 15 -17.65 -9.08 1.77
CA ILE A 15 -17.62 -7.61 1.91
C ILE A 15 -16.27 -7.06 1.44
N LEU A 16 -15.16 -7.63 1.94
CA LEU A 16 -13.82 -7.19 1.56
C LEU A 16 -13.53 -7.40 0.07
N LEU A 17 -13.97 -8.52 -0.54
CA LEU A 17 -13.75 -8.74 -1.98
C LEU A 17 -14.53 -7.68 -2.75
N ASP A 18 -15.81 -7.45 -2.38
CA ASP A 18 -16.66 -6.43 -3.01
C ASP A 18 -16.03 -5.03 -2.86
N ALA A 19 -15.56 -4.71 -1.64
CA ALA A 19 -14.87 -3.43 -1.35
C ALA A 19 -13.67 -3.20 -2.30
N HIS A 20 -12.84 -4.25 -2.48
CA HIS A 20 -11.69 -4.18 -3.36
C HIS A 20 -12.11 -4.00 -4.81
N HIS A 21 -13.10 -4.78 -5.27
CA HIS A 21 -13.59 -4.67 -6.66
C HIS A 21 -14.12 -3.25 -6.96
N LYS A 22 -14.68 -2.59 -5.97
CA LYS A 22 -15.23 -1.23 -6.12
C LYS A 22 -14.15 -0.15 -6.02
N THR A 23 -13.00 -0.46 -5.41
CA THR A 23 -11.97 0.57 -5.15
C THR A 23 -10.64 0.35 -5.84
N TYR A 24 -10.54 -0.71 -6.66
CA TYR A 24 -9.34 -1.00 -7.41
C TYR A 24 -9.68 -1.26 -8.87
N ASP A 25 -9.14 -0.42 -9.74
CA ASP A 25 -9.32 -0.50 -11.19
C ASP A 25 -8.09 -1.19 -11.80
N PRO A 26 -8.22 -2.48 -12.20
CA PRO A 26 -7.09 -3.21 -12.80
C PRO A 26 -6.81 -2.83 -14.24
N THR A 27 -7.53 -1.82 -14.78
CA THR A 27 -7.27 -1.36 -16.14
C THR A 27 -6.49 -0.06 -16.11
N TYR A 28 -6.34 0.56 -14.91
CA TYR A 28 -5.59 1.81 -14.68
C TYR A 28 -6.09 2.93 -15.59
N SER A 29 -7.42 2.97 -15.79
CA SER A 29 -8.07 3.86 -16.71
C SER A 29 -8.08 5.35 -16.33
N ASP A 30 -7.84 5.67 -15.05
CA ASP A 30 -7.77 7.05 -14.58
C ASP A 30 -6.36 7.67 -14.70
N PHE A 31 -5.33 6.87 -15.00
CA PHE A 31 -3.93 7.31 -15.03
C PHE A 31 -3.62 8.50 -15.97
N CYS A 32 -4.36 8.60 -17.08
CA CYS A 32 -4.24 9.70 -18.05
C CYS A 32 -4.68 11.05 -17.43
N GLN A 33 -5.40 11.00 -16.29
CA GLN A 33 -5.86 12.21 -15.60
C GLN A 33 -4.79 12.81 -14.67
N PHE A 34 -3.72 12.05 -14.39
CA PHE A 34 -2.64 12.52 -13.51
C PHE A 34 -1.74 13.46 -14.29
N ARG A 35 -0.98 14.31 -13.56
CA ARG A 35 0.02 15.16 -14.23
C ARG A 35 0.95 14.18 -14.94
N PRO A 36 1.39 14.51 -16.16
CA PRO A 36 2.15 13.53 -16.94
C PRO A 36 3.47 13.10 -16.37
N PRO A 37 3.86 11.83 -16.60
CA PRO A 37 5.21 11.39 -16.21
C PRO A 37 6.23 12.12 -17.09
N VAL A 38 7.39 12.46 -16.55
CA VAL A 38 8.47 13.12 -17.29
C VAL A 38 9.74 12.39 -16.87
N ARG A 39 10.47 11.80 -17.83
CA ARG A 39 11.68 11.05 -17.50
C ARG A 39 12.95 11.70 -18.05
N VAL A 40 13.70 12.43 -17.20
CA VAL A 40 14.95 13.10 -17.61
C VAL A 40 16.09 12.10 -17.74
N ASN A 41 17.11 12.44 -18.55
CA ASN A 41 18.30 11.60 -18.71
C ASN A 41 19.04 11.55 -17.38
N ASP A 42 19.13 10.35 -16.77
CA ASP A 42 19.77 10.14 -15.46
C ASP A 42 20.27 8.69 -15.32
N GLY A 43 21.15 8.29 -16.24
CA GLY A 43 21.75 6.96 -16.23
C GLY A 43 22.61 6.72 -15.00
N GLY A 44 23.18 7.80 -14.46
CA GLY A 44 24.04 7.77 -13.29
C GLY A 44 23.37 7.75 -11.93
N GLY A 45 22.06 8.01 -11.91
CA GLY A 45 21.29 8.08 -10.66
C GLY A 45 21.77 9.21 -9.77
N SER A 46 22.05 10.39 -10.36
CA SER A 46 22.58 11.57 -9.67
C SER A 46 21.54 12.15 -8.72
N VAL A 47 21.83 12.17 -7.40
CA VAL A 47 20.94 12.73 -6.37
C VAL A 47 20.72 14.23 -6.62
N THR A 48 21.81 14.96 -6.96
CA THR A 48 21.77 16.41 -7.25
C THR A 48 20.80 16.68 -8.39
N LEU A 49 20.95 15.95 -9.51
CA LEU A 49 20.08 16.11 -10.68
C LEU A 49 18.62 15.77 -10.35
N GLU A 50 18.40 14.65 -9.64
CA GLU A 50 17.03 14.23 -9.28
C GLU A 50 16.35 15.28 -8.44
N LEU A 51 17.07 15.82 -7.45
CA LEU A 51 16.51 16.87 -6.60
C LEU A 51 16.27 18.16 -7.36
N SER A 52 17.15 18.51 -8.33
CA SER A 52 16.96 19.75 -9.10
C SER A 52 15.72 19.66 -9.99
N GLN A 53 15.45 18.49 -10.58
CA GLN A 53 14.33 18.31 -11.50
C GLN A 53 13.03 17.70 -10.91
N LEU A 54 13.16 16.63 -10.08
CA LEU A 54 12.01 15.92 -9.48
C LEU A 54 10.97 15.67 -10.59
N SER A 55 11.48 15.23 -11.75
CA SER A 55 10.71 15.05 -12.99
C SER A 55 9.50 14.13 -12.88
N MET A 56 9.63 13.06 -12.09
CA MET A 56 8.52 12.11 -11.92
C MET A 56 7.65 12.43 -10.69
N LEU A 57 8.03 13.44 -9.90
CA LEU A 57 7.30 13.73 -8.68
C LEU A 57 5.81 14.10 -8.89
N PRO A 58 5.46 15.04 -9.79
CA PRO A 58 4.02 15.38 -9.97
C PRO A 58 3.14 14.15 -10.32
N HIS A 59 3.63 13.25 -11.24
CA HIS A 59 2.92 12.03 -11.64
C HIS A 59 2.85 11.01 -10.50
N LEU A 60 3.99 10.73 -9.84
CA LEU A 60 4.00 9.78 -8.71
C LEU A 60 3.23 10.27 -7.49
N ALA A 61 3.26 11.59 -7.21
CA ALA A 61 2.47 12.12 -6.10
C ALA A 61 0.98 11.97 -6.47
N ASP A 62 0.59 12.26 -7.74
CA ASP A 62 -0.83 12.10 -8.16
C ASP A 62 -1.25 10.62 -8.06
N LEU A 63 -0.34 9.70 -8.36
CA LEU A 63 -0.64 8.27 -8.28
C LEU A 63 -0.89 7.83 -6.84
N VAL A 64 0.02 8.21 -5.93
CA VAL A 64 -0.14 7.84 -4.51
C VAL A 64 -1.40 8.54 -3.94
N SER A 65 -1.63 9.80 -4.30
CA SER A 65 -2.79 10.55 -3.79
C SER A 65 -4.10 9.82 -4.21
N TYR A 66 -4.20 9.43 -5.50
CA TYR A 66 -5.31 8.66 -6.07
C TYR A 66 -5.47 7.35 -5.31
N SER A 67 -4.35 6.64 -5.07
CA SER A 67 -4.40 5.38 -4.31
C SER A 67 -4.85 5.58 -2.90
N ILE A 68 -4.40 6.66 -2.22
CA ILE A 68 -4.87 6.94 -0.85
C ILE A 68 -6.40 7.12 -0.84
N GLN A 69 -6.93 7.82 -1.85
CA GLN A 69 -8.39 8.01 -1.92
C GLN A 69 -9.10 6.65 -1.99
N LYS A 70 -8.57 5.71 -2.82
CA LYS A 70 -9.12 4.34 -2.97
C LYS A 70 -9.02 3.59 -1.64
N VAL A 71 -7.85 3.72 -0.94
CA VAL A 71 -7.61 3.10 0.37
C VAL A 71 -8.62 3.63 1.39
N ILE A 72 -8.91 4.96 1.38
CA ILE A 72 -9.91 5.52 2.30
C ILE A 72 -11.28 4.86 2.01
N GLY A 73 -11.62 4.73 0.74
CA GLY A 73 -12.87 4.05 0.33
C GLY A 73 -12.95 2.61 0.79
N PHE A 74 -11.86 1.86 0.63
CA PHE A 74 -11.78 0.44 1.00
C PHE A 74 -11.96 0.32 2.51
N ALA A 75 -11.24 1.17 3.27
CA ALA A 75 -11.24 1.15 4.75
C ALA A 75 -12.62 1.34 5.34
N LYS A 76 -13.41 2.25 4.73
CA LYS A 76 -14.79 2.51 5.14
C LYS A 76 -15.67 1.26 5.10
N MET A 77 -15.36 0.34 4.19
CA MET A 77 -16.07 -0.92 4.00
C MET A 77 -15.56 -2.08 4.87
N ILE A 78 -14.45 -1.90 5.60
CA ILE A 78 -13.92 -2.97 6.46
C ILE A 78 -14.92 -3.20 7.61
N PRO A 79 -15.44 -4.44 7.82
CA PRO A 79 -16.36 -4.67 8.95
C PRO A 79 -15.74 -4.24 10.27
N GLY A 80 -16.41 -3.31 10.94
CA GLY A 80 -16.01 -2.77 12.22
C GLY A 80 -15.29 -1.44 12.17
N PHE A 81 -14.69 -1.09 11.00
CA PHE A 81 -13.95 0.17 10.86
C PHE A 81 -14.79 1.40 11.21
N ARG A 82 -16.07 1.38 10.83
CA ARG A 82 -17.02 2.46 11.13
C ARG A 82 -17.39 2.52 12.63
N ASP A 83 -17.15 1.43 13.41
CA ASP A 83 -17.37 1.35 14.86
C ASP A 83 -16.34 2.16 15.67
N LEU A 84 -15.23 2.52 15.01
CA LEU A 84 -14.15 3.32 15.60
C LEU A 84 -14.49 4.79 15.57
N THR A 85 -13.86 5.59 16.45
CA THR A 85 -14.04 7.06 16.43
C THR A 85 -13.40 7.60 15.15
N SER A 86 -13.83 8.80 14.72
CA SER A 86 -13.28 9.45 13.52
C SER A 86 -11.80 9.79 13.72
N GLU A 87 -11.38 10.04 14.97
CA GLU A 87 -9.99 10.34 15.32
C GLU A 87 -9.13 9.08 15.09
N ASP A 88 -9.61 7.92 15.56
CA ASP A 88 -8.93 6.63 15.39
C ASP A 88 -8.90 6.18 13.91
N GLN A 89 -10.01 6.37 13.17
CA GLN A 89 -10.05 6.01 11.75
C GLN A 89 -8.98 6.79 10.98
N ILE A 90 -8.84 8.09 11.28
CA ILE A 90 -7.86 8.95 10.63
C ILE A 90 -6.40 8.61 11.02
N VAL A 91 -6.16 8.30 12.29
CA VAL A 91 -4.81 7.93 12.73
C VAL A 91 -4.41 6.64 11.96
N LEU A 92 -5.32 5.67 11.90
CA LEU A 92 -5.12 4.37 11.20
C LEU A 92 -4.89 4.55 9.72
N LEU A 93 -5.70 5.38 9.07
CA LEU A 93 -5.52 5.65 7.63
C LEU A 93 -4.18 6.34 7.32
N LYS A 94 -3.84 7.36 8.11
CA LYS A 94 -2.59 8.09 7.93
C LYS A 94 -1.35 7.28 8.19
N SER A 95 -1.32 6.50 9.27
CA SER A 95 -0.13 5.71 9.61
C SER A 95 0.09 4.51 8.67
N SER A 96 -1.00 3.95 8.09
CA SER A 96 -0.93 2.78 7.21
C SER A 96 -0.85 3.10 5.72
N ALA A 97 -1.21 4.35 5.31
CA ALA A 97 -1.26 4.80 3.90
C ALA A 97 -0.20 4.21 2.99
N ILE A 98 1.08 4.50 3.27
CA ILE A 98 2.17 4.01 2.41
C ILE A 98 2.28 2.49 2.37
N GLU A 99 2.02 1.83 3.51
CA GLU A 99 2.08 0.37 3.54
C GLU A 99 1.00 -0.27 2.69
N VAL A 100 -0.26 0.25 2.78
CA VAL A 100 -1.38 -0.28 1.98
C VAL A 100 -1.10 -0.03 0.49
N ILE A 101 -0.53 1.13 0.17
CA ILE A 101 -0.12 1.44 -1.21
C ILE A 101 0.87 0.41 -1.72
N MET A 102 1.89 0.08 -0.90
CA MET A 102 2.89 -0.93 -1.30
C MET A 102 2.23 -2.30 -1.54
N LEU A 103 1.28 -2.68 -0.65
CA LEU A 103 0.53 -3.93 -0.78
C LEU A 103 -0.34 -3.91 -2.04
N ARG A 104 -1.14 -2.87 -2.23
CA ARG A 104 -2.01 -2.86 -3.40
C ARG A 104 -1.29 -2.73 -4.73
N SER A 105 -0.12 -2.06 -4.74
CA SER A 105 0.71 -1.91 -5.95
C SER A 105 1.17 -3.28 -6.44
N ASN A 106 1.20 -4.30 -5.56
CA ASN A 106 1.66 -5.64 -5.94
C ASN A 106 0.84 -6.28 -7.07
N GLU A 107 -0.42 -5.86 -7.21
CA GLU A 107 -1.31 -6.39 -8.24
C GLU A 107 -0.79 -6.00 -9.63
N SER A 108 -0.21 -4.80 -9.78
CA SER A 108 0.32 -4.32 -11.07
C SER A 108 1.80 -4.70 -11.23
N PHE A 109 2.45 -5.14 -10.14
CA PHE A 109 3.85 -5.52 -10.15
C PHE A 109 4.04 -6.80 -10.96
N THR A 110 5.10 -6.84 -11.77
CA THR A 110 5.38 -8.03 -12.56
C THR A 110 6.82 -8.47 -12.42
N MET A 111 7.02 -9.78 -12.18
CA MET A 111 8.36 -10.34 -12.11
C MET A 111 8.96 -10.55 -13.49
N ASP A 112 8.17 -10.33 -14.56
CA ASP A 112 8.70 -10.44 -15.93
C ASP A 112 9.93 -9.52 -16.12
N ASP A 113 9.84 -8.28 -15.60
CA ASP A 113 10.91 -7.27 -15.75
C ASP A 113 11.10 -6.39 -14.51
N MET A 114 10.50 -6.79 -13.38
CA MET A 114 10.59 -6.10 -12.08
C MET A 114 10.06 -4.67 -12.15
N SER A 115 8.86 -4.51 -12.70
CA SER A 115 8.25 -3.19 -12.85
C SER A 115 6.78 -3.26 -12.44
N TRP A 116 6.17 -2.09 -12.27
CA TRP A 116 4.75 -1.98 -11.98
C TRP A 116 4.19 -1.58 -13.31
N THR A 117 3.52 -2.52 -14.00
CA THR A 117 3.00 -2.30 -15.35
C THR A 117 1.54 -1.87 -15.30
N CYS A 118 1.30 -0.57 -15.48
CA CYS A 118 -0.04 0.03 -15.38
C CYS A 118 -0.60 0.52 -16.71
N GLY A 119 -0.41 -0.27 -17.76
CA GLY A 119 -0.91 0.02 -19.10
C GLY A 119 0.21 0.17 -20.10
N ASN A 120 0.19 1.29 -20.84
CA ASN A 120 1.22 1.58 -21.84
C ASN A 120 2.59 1.84 -21.18
N GLN A 121 3.61 2.05 -22.02
CA GLN A 121 4.99 2.35 -21.62
C GLN A 121 5.10 3.57 -20.71
N ASP A 122 4.21 4.58 -20.86
CA ASP A 122 4.24 5.81 -20.03
C ASP A 122 3.93 5.47 -18.58
N TYR A 123 3.05 4.48 -18.37
CA TYR A 123 2.65 4.04 -17.03
C TYR A 123 3.31 2.75 -16.60
N LYS A 124 4.51 2.51 -17.12
CA LYS A 124 5.31 1.37 -16.69
C LYS A 124 6.36 1.95 -15.74
N TYR A 125 6.29 1.61 -14.42
CA TYR A 125 7.25 2.19 -13.48
C TYR A 125 8.33 1.26 -13.03
N ARG A 126 9.56 1.76 -12.99
CA ARG A 126 10.73 1.00 -12.53
C ARG A 126 11.41 1.74 -11.38
N VAL A 127 12.52 1.16 -10.84
CA VAL A 127 13.38 1.70 -9.76
C VAL A 127 13.78 3.16 -10.09
N SER A 128 14.26 3.36 -11.33
CA SER A 128 14.68 4.65 -11.84
C SER A 128 13.58 5.72 -11.77
N ASP A 129 12.29 5.34 -11.85
CA ASP A 129 11.19 6.32 -11.74
C ASP A 129 11.01 6.85 -10.34
N VAL A 130 11.22 5.98 -9.33
CA VAL A 130 11.08 6.35 -7.95
C VAL A 130 12.28 7.25 -7.56
N THR A 131 13.49 6.97 -8.10
CA THR A 131 14.67 7.84 -7.87
C THR A 131 14.44 9.21 -8.54
N LYS A 132 13.75 9.22 -9.71
CA LYS A 132 13.42 10.49 -10.42
C LYS A 132 12.37 11.32 -9.65
N ALA A 133 11.80 10.74 -8.59
CA ALA A 133 10.87 11.47 -7.74
C ALA A 133 11.50 11.91 -6.42
N GLY A 134 12.82 11.73 -6.31
CA GLY A 134 13.61 12.18 -5.15
C GLY A 134 13.90 11.16 -4.07
N HIS A 135 13.48 9.88 -4.29
CA HIS A 135 13.75 8.81 -3.34
C HIS A 135 15.12 8.19 -3.60
N SER A 136 15.64 7.45 -2.62
CA SER A 136 16.97 6.85 -2.72
C SER A 136 16.97 5.32 -2.62
N LEU A 137 18.11 4.69 -2.98
CA LEU A 137 18.31 3.23 -2.98
C LEU A 137 17.97 2.54 -1.65
N GLU A 138 18.16 3.24 -0.50
CA GLU A 138 17.79 2.66 0.80
C GLU A 138 16.28 2.32 0.87
N LEU A 139 15.43 2.96 0.03
CA LEU A 139 13.99 2.66 0.01
C LEU A 139 13.65 1.67 -1.11
N ILE A 140 14.06 1.99 -2.35
CA ILE A 140 13.71 1.22 -3.55
C ILE A 140 14.20 -0.22 -3.57
N GLU A 141 15.46 -0.47 -3.15
CA GLU A 141 16.03 -1.83 -3.09
C GLU A 141 15.17 -2.74 -2.20
N PRO A 142 14.94 -2.45 -0.88
CA PRO A 142 14.06 -3.34 -0.11
C PRO A 142 12.61 -3.33 -0.61
N LEU A 143 12.16 -2.23 -1.29
CA LEU A 143 10.79 -2.17 -1.81
C LEU A 143 10.64 -3.24 -2.91
N ILE A 144 11.63 -3.34 -3.83
CA ILE A 144 11.58 -4.35 -4.89
C ILE A 144 11.65 -5.77 -4.31
N LYS A 145 12.50 -5.98 -3.28
CA LYS A 145 12.63 -7.27 -2.59
C LYS A 145 11.27 -7.65 -2.01
N PHE A 146 10.60 -6.66 -1.36
CA PHE A 146 9.28 -6.84 -0.76
C PHE A 146 8.24 -7.28 -1.84
N GLN A 147 8.22 -6.56 -2.98
CA GLN A 147 7.28 -6.83 -4.08
C GLN A 147 7.45 -8.26 -4.62
N VAL A 148 8.71 -8.69 -4.78
CA VAL A 148 8.98 -10.06 -5.22
C VAL A 148 8.55 -11.08 -4.18
N GLY A 149 8.93 -10.86 -2.93
CA GLY A 149 8.56 -11.73 -1.82
C GLY A 149 7.05 -11.92 -1.70
N LEU A 150 6.31 -10.82 -1.86
CA LEU A 150 4.87 -10.84 -1.81
C LEU A 150 4.27 -11.53 -3.02
N LYS A 151 4.82 -11.27 -4.22
CA LYS A 151 4.33 -11.86 -5.45
C LYS A 151 4.42 -13.36 -5.39
N LYS A 152 5.55 -13.87 -4.86
CA LYS A 152 5.85 -15.30 -4.72
C LYS A 152 4.93 -16.05 -3.75
N LEU A 153 4.19 -15.34 -2.85
CA LEU A 153 3.23 -16.00 -1.95
C LEU A 153 2.00 -16.44 -2.72
N ASN A 154 1.81 -15.90 -3.94
CA ASN A 154 0.69 -16.20 -4.85
C ASN A 154 -0.64 -16.15 -4.10
N LEU A 155 -0.89 -15.04 -3.42
CA LEU A 155 -2.09 -14.89 -2.61
C LEU A 155 -3.36 -14.98 -3.39
N HIS A 156 -4.36 -15.61 -2.78
CA HIS A 156 -5.71 -15.59 -3.33
C HIS A 156 -6.20 -14.14 -3.11
N GLU A 157 -7.14 -13.68 -3.91
CA GLU A 157 -7.70 -12.34 -3.72
C GLU A 157 -8.27 -12.19 -2.30
N GLU A 158 -8.88 -13.25 -1.75
CA GLU A 158 -9.39 -13.29 -0.38
C GLU A 158 -8.28 -12.95 0.63
N GLU A 159 -7.08 -13.53 0.44
CA GLU A 159 -5.94 -13.31 1.34
C GLU A 159 -5.38 -11.89 1.16
N HIS A 160 -5.28 -11.43 -0.08
CA HIS A 160 -4.78 -10.08 -0.39
C HIS A 160 -5.65 -9.00 0.29
N VAL A 161 -6.98 -9.12 0.20
CA VAL A 161 -7.91 -8.13 0.81
C VAL A 161 -7.89 -8.20 2.33
N LEU A 162 -7.78 -9.41 2.87
CA LEU A 162 -7.72 -9.57 4.32
C LEU A 162 -6.41 -8.94 4.83
N LEU A 163 -5.29 -9.19 4.13
CA LEU A 163 -3.99 -8.60 4.50
C LEU A 163 -4.03 -7.06 4.52
N MET A 164 -4.61 -6.44 3.48
CA MET A 164 -4.77 -4.97 3.45
C MET A 164 -5.60 -4.47 4.64
N ALA A 165 -6.71 -5.18 4.95
CA ALA A 165 -7.60 -4.84 6.06
C ALA A 165 -6.90 -4.97 7.40
N ILE A 166 -6.10 -6.04 7.60
CA ILE A 166 -5.33 -6.28 8.84
C ILE A 166 -4.26 -5.16 8.99
N CYS A 167 -3.60 -4.80 7.88
CA CYS A 167 -2.61 -3.73 7.85
C CYS A 167 -3.22 -2.41 8.37
N ILE A 168 -4.38 -2.03 7.84
CA ILE A 168 -5.08 -0.79 8.20
C ILE A 168 -5.50 -0.80 9.68
N VAL A 169 -6.16 -1.88 10.10
CA VAL A 169 -6.72 -1.93 11.44
C VAL A 169 -5.67 -2.50 12.40
N SER A 170 -4.61 -1.74 12.64
CA SER A 170 -3.52 -2.15 13.51
C SER A 170 -3.56 -1.40 14.86
N PRO A 171 -3.68 -2.14 16.00
CA PRO A 171 -3.76 -1.45 17.31
C PRO A 171 -2.45 -0.77 17.73
N ASP A 172 -1.32 -1.20 17.12
CA ASP A 172 0.02 -0.67 17.39
C ASP A 172 0.43 0.41 16.36
N ARG A 173 -0.26 1.54 16.40
CA ARG A 173 0.04 2.72 15.58
C ARG A 173 0.11 3.88 16.59
N PRO A 174 1.12 4.77 16.48
CA PRO A 174 1.20 5.91 17.42
C PRO A 174 -0.04 6.82 17.36
N GLY A 175 -0.57 7.20 18.52
CA GLY A 175 -1.72 8.09 18.60
C GLY A 175 -3.10 7.48 18.66
N VAL A 176 -3.23 6.14 18.56
CA VAL A 176 -4.55 5.49 18.65
C VAL A 176 -5.09 5.65 20.08
N GLN A 177 -6.39 5.84 20.23
CA GLN A 177 -6.98 5.99 21.55
C GLN A 177 -7.60 4.70 22.05
N ASP A 178 -8.42 4.04 21.21
CA ASP A 178 -9.05 2.79 21.62
C ASP A 178 -8.36 1.57 21.02
N ALA A 179 -7.13 1.28 21.48
CA ALA A 179 -6.35 0.14 20.99
C ALA A 179 -7.07 -1.20 21.18
N ALA A 180 -7.83 -1.36 22.30
CA ALA A 180 -8.55 -2.62 22.56
C ALA A 180 -9.64 -2.91 21.50
N LEU A 181 -10.39 -1.89 21.07
CA LEU A 181 -11.44 -2.03 20.05
C LEU A 181 -10.79 -2.32 18.70
N ILE A 182 -9.69 -1.62 18.37
CA ILE A 182 -8.92 -1.82 17.11
C ILE A 182 -8.40 -3.28 17.06
N GLU A 183 -7.87 -3.77 18.19
CA GLU A 183 -7.35 -5.14 18.32
C GLU A 183 -8.47 -6.16 18.10
N ALA A 184 -9.67 -5.89 18.63
CA ALA A 184 -10.85 -6.76 18.47
C ALA A 184 -11.26 -6.87 16.99
N ILE A 185 -11.25 -5.73 16.28
CA ILE A 185 -11.58 -5.67 14.84
C ILE A 185 -10.49 -6.44 14.06
N GLN A 186 -9.20 -6.18 14.40
CA GLN A 186 -8.10 -6.89 13.73
C GLN A 186 -8.11 -8.37 14.00
N ASP A 187 -8.43 -8.80 15.24
CA ASP A 187 -8.45 -10.22 15.57
C ASP A 187 -9.52 -10.97 14.78
N ARG A 188 -10.68 -10.32 14.58
CA ARG A 188 -11.80 -10.87 13.80
C ARG A 188 -11.33 -11.10 12.35
N LEU A 189 -10.52 -10.16 11.79
CA LEU A 189 -9.94 -10.26 10.45
C LEU A 189 -8.82 -11.31 10.40
N SER A 190 -7.93 -11.32 11.41
CA SER A 190 -6.79 -12.25 11.50
C SER A 190 -7.30 -13.70 11.60
N ASN A 191 -8.35 -13.94 12.42
CA ASN A 191 -8.97 -15.26 12.59
C ASN A 191 -9.62 -15.73 11.27
N THR A 192 -10.25 -14.80 10.53
CA THR A 192 -10.86 -15.07 9.22
C THR A 192 -9.76 -15.57 8.28
N LEU A 193 -8.62 -14.82 8.23
CA LEU A 193 -7.48 -15.16 7.38
C LEU A 193 -6.86 -16.51 7.72
N GLN A 194 -6.57 -16.75 9.01
CA GLN A 194 -5.97 -18.02 9.43
C GLN A 194 -6.87 -19.21 9.07
N THR A 195 -8.19 -19.07 9.32
CA THR A 195 -9.24 -20.06 9.01
C THR A 195 -9.29 -20.30 7.52
N TYR A 196 -9.34 -19.21 6.71
CA TYR A 196 -9.36 -19.29 5.25
C TYR A 196 -8.19 -20.07 4.71
N ILE A 197 -6.94 -19.73 5.14
CA ILE A 197 -5.72 -20.41 4.66
C ILE A 197 -5.82 -21.93 4.90
N ARG A 198 -6.16 -22.32 6.13
CA ARG A 198 -6.25 -23.74 6.49
C ARG A 198 -7.34 -24.49 5.71
N CYS A 199 -8.48 -23.86 5.51
CA CYS A 199 -9.66 -24.43 4.83
C CYS A 199 -9.64 -24.35 3.30
N ARG A 200 -9.08 -23.26 2.70
CA ARG A 200 -9.14 -23.05 1.24
C ARG A 200 -7.84 -22.96 0.45
N HIS A 201 -6.68 -22.82 1.13
CA HIS A 201 -5.42 -22.66 0.39
C HIS A 201 -4.78 -24.04 0.20
N PRO A 202 -4.64 -24.53 -1.05
CA PRO A 202 -4.09 -25.88 -1.25
C PRO A 202 -2.59 -25.97 -1.01
N PRO A 203 -2.05 -27.18 -0.67
CA PRO A 203 -0.60 -27.30 -0.48
C PRO A 203 0.11 -27.32 -1.84
N PRO A 204 1.42 -26.98 -1.95
CA PRO A 204 2.36 -26.57 -0.88
C PRO A 204 2.25 -25.09 -0.51
N LEU A 208 2.48 -22.72 6.40
CA LEU A 208 3.32 -21.64 6.90
C LEU A 208 2.98 -20.29 6.23
N LEU A 209 1.89 -20.26 5.44
CA LEU A 209 1.48 -19.03 4.73
C LEU A 209 1.10 -17.88 5.65
N TYR A 210 0.34 -18.16 6.73
CA TYR A 210 -0.08 -17.10 7.65
C TYR A 210 1.15 -16.41 8.28
N ALA A 211 2.15 -17.22 8.71
CA ALA A 211 3.40 -16.72 9.29
C ALA A 211 4.16 -15.83 8.28
N LYS A 212 4.19 -16.24 7.00
CA LYS A 212 4.84 -15.49 5.93
C LYS A 212 4.12 -14.15 5.69
N MET A 213 2.78 -14.15 5.74
CA MET A 213 1.97 -12.92 5.55
C MET A 213 2.20 -11.95 6.72
N ILE A 214 2.30 -12.47 7.96
CA ILE A 214 2.59 -11.66 9.16
C ILE A 214 3.99 -11.05 9.05
N GLN A 215 4.97 -11.81 8.50
CA GLN A 215 6.32 -11.29 8.28
C GLN A 215 6.27 -10.12 7.28
N LYS A 216 5.39 -10.19 6.28
CA LYS A 216 5.26 -9.08 5.30
C LYS A 216 4.75 -7.80 5.98
N LEU A 217 3.87 -7.93 6.98
CA LEU A 217 3.36 -6.79 7.75
C LEU A 217 4.51 -6.17 8.56
N ALA A 218 5.44 -7.00 9.05
CA ALA A 218 6.61 -6.48 9.78
C ALA A 218 7.53 -5.79 8.79
N ASP A 219 7.77 -6.37 7.59
CA ASP A 219 8.60 -5.73 6.55
C ASP A 219 8.02 -4.35 6.18
N LEU A 220 6.67 -4.24 6.15
CA LEU A 220 6.00 -2.99 5.80
C LEU A 220 6.31 -1.87 6.79
N ARG A 221 6.43 -2.19 8.09
CA ARG A 221 6.80 -1.22 9.13
C ARG A 221 8.15 -0.58 8.83
N SER A 222 9.18 -1.39 8.46
CA SER A 222 10.53 -0.89 8.13
C SER A 222 10.49 -0.05 6.86
N LEU A 223 9.73 -0.47 5.84
CA LEU A 223 9.60 0.30 4.60
C LEU A 223 8.90 1.63 4.89
N ASN A 224 7.90 1.64 5.79
CA ASN A 224 7.17 2.84 6.18
C ASN A 224 8.15 3.85 6.84
N GLU A 225 8.96 3.36 7.77
CA GLU A 225 9.98 4.18 8.47
C GLU A 225 10.97 4.78 7.48
N GLU A 226 11.43 4.00 6.50
CA GLU A 226 12.36 4.51 5.49
C GLU A 226 11.66 5.53 4.59
N HIS A 227 10.43 5.22 4.16
CA HIS A 227 9.68 6.14 3.30
C HIS A 227 9.50 7.52 3.99
N SER A 228 9.14 7.49 5.29
CA SER A 228 8.94 8.71 6.08
C SER A 228 10.22 9.56 6.17
N LYS A 229 11.39 8.92 6.39
CA LYS A 229 12.71 9.58 6.46
C LYS A 229 13.03 10.27 5.12
N GLN A 230 12.78 9.55 4.03
CA GLN A 230 13.03 10.06 2.69
C GLN A 230 12.07 11.17 2.26
N TYR A 231 10.80 11.06 2.69
CA TYR A 231 9.79 12.09 2.38
C TYR A 231 10.22 13.42 3.04
N ARG A 232 10.65 13.32 4.30
CA ARG A 232 11.14 14.43 5.10
C ARG A 232 12.27 15.15 4.32
N CYS A 233 13.29 14.39 3.77
CA CYS A 233 14.40 14.96 2.93
C CYS A 233 13.83 15.65 1.70
N LEU A 234 12.94 14.94 0.98
CA LEU A 234 12.34 15.45 -0.23
C LEU A 234 11.58 16.75 0.03
N SER A 235 10.91 16.85 1.19
CA SER A 235 10.13 18.05 1.57
C SER A 235 11.00 19.29 1.81
N PHE A 236 12.32 19.08 2.00
CA PHE A 236 13.24 20.21 2.20
C PHE A 236 13.59 20.87 0.86
N GLN A 237 13.26 20.22 -0.27
CA GLN A 237 13.57 20.78 -1.57
C GLN A 237 12.67 21.99 -1.87
N PRO A 238 13.27 23.18 -2.13
CA PRO A 238 12.43 24.36 -2.40
C PRO A 238 11.45 24.09 -3.52
N GLU A 239 10.19 24.54 -3.34
CA GLU A 239 9.11 24.41 -4.35
C GLU A 239 8.55 22.96 -4.46
N CYS A 240 8.89 22.06 -3.51
CA CYS A 240 8.43 20.67 -3.54
C CYS A 240 6.91 20.55 -3.39
N SER A 241 6.31 21.38 -2.52
CA SER A 241 4.88 21.32 -2.21
C SER A 241 3.91 21.39 -3.41
N MET A 242 4.25 22.19 -4.46
CA MET A 242 3.45 22.33 -5.69
C MET A 242 3.44 21.03 -6.51
N LYS A 243 4.53 20.26 -6.40
CA LYS A 243 4.71 19.00 -7.11
C LYS A 243 3.95 17.89 -6.37
N LEU A 244 3.55 18.15 -5.11
CA LEU A 244 2.79 17.20 -4.29
C LEU A 244 1.27 17.42 -4.42
N THR A 245 0.47 16.95 -3.47
CA THR A 245 -0.98 17.22 -3.48
C THR A 245 -1.36 17.56 -2.04
N PRO A 246 -2.51 18.24 -1.79
CA PRO A 246 -2.92 18.50 -0.40
C PRO A 246 -3.04 17.23 0.43
N LEU A 247 -3.57 16.14 -0.15
CA LEU A 247 -3.75 14.89 0.59
C LEU A 247 -2.38 14.28 0.97
N VAL A 248 -1.43 14.28 0.02
CA VAL A 248 -0.08 13.74 0.27
C VAL A 248 0.61 14.60 1.35
N LEU A 249 0.49 15.94 1.25
CA LEU A 249 1.04 16.88 2.22
C LEU A 249 0.51 16.64 3.61
N GLU A 250 -0.80 16.37 3.73
CA GLU A 250 -1.40 16.07 5.02
C GLU A 250 -0.95 14.71 5.57
N VAL A 251 -1.00 13.67 4.71
CA VAL A 251 -0.71 12.30 5.15
C VAL A 251 0.74 12.10 5.61
N PHE A 252 1.67 12.66 4.85
CA PHE A 252 3.10 12.47 5.11
C PHE A 252 3.81 13.62 5.83
N GLY A 253 3.19 14.80 5.82
CA GLY A 253 3.73 16.02 6.46
C GLY A 253 3.73 15.96 7.98
C1 DS5 B . 1.05 2.24 -7.59
O1 DS5 B . 6.99 9.83 -1.33
C2 DS5 B . 1.36 3.03 -6.47
O2 DS5 B . -0.30 2.09 -7.80
C3 DS5 B . 2.69 3.22 -6.17
C4 DS5 B . 3.74 2.65 -6.91
C5 DS5 B . 3.38 1.89 -8.02
C6 DS5 B . 2.05 1.68 -8.37
C7 DS5 B . 5.19 2.74 -6.42
C8 DS5 B . 5.49 4.06 -5.68
C9 DS5 B . 6.36 4.11 -4.59
C10 DS5 B . 6.65 5.30 -3.92
C11 DS5 B . 7.61 5.28 -2.75
C12 DS5 B . 6.03 6.51 -4.39
C13 DS5 B . 6.09 7.74 -3.67
C14 DS5 B . 6.11 8.77 -3.08
C15 DS5 B . 6.05 9.94 -2.32
C16 DS5 B . 6.33 11.18 -3.27
C17 DS5 B . 4.63 10.11 -1.69
C18 DS5 B . 5.21 6.46 -5.52
C20 DS5 B . 5.45 1.46 -5.48
C26 DS5 B . -2.24 0.88 -8.48
C27 DS5 B . -3.06 2.18 -8.41
C28 DS5 B . -4.57 1.99 -8.18
C29 DS5 B . -4.96 1.82 -6.74
C22 DS5 B . 6.22 2.61 -7.61
C21 DS5 B . 4.66 1.35 -4.18
C23 DS5 B . 6.19 3.68 -8.70
C19 DS5 B . 4.94 5.25 -6.13
C24 DS5 B . 0.29 3.68 -5.64
C25 DS5 B . -0.80 1.20 -8.81
F1 DS5 B . 7.46 11.01 -3.93
F2 DS5 B . 5.36 11.35 -4.18
F3 DS5 B . 6.44 12.30 -2.56
F4 DS5 B . 4.64 11.15 -0.85
F5 DS5 B . 3.68 10.34 -2.59
F6 DS5 B . 4.26 9.03 -0.99
O3 DS5 B . -2.28 0.22 -7.20
O5 DS5 B . -6.28 1.78 -6.55
O4 DS5 B . -4.13 1.73 -5.84
#